data_9Q84
#
_entry.id   9Q84
#
_cell.length_a   73.882
_cell.length_b   66.776
_cell.length_c   53.203
_cell.angle_alpha   90.000
_cell.angle_beta   109.348
_cell.angle_gamma   90.000
#
_symmetry.space_group_name_H-M   'C 1 2 1'
#
loop_
_entity.id
_entity.type
_entity.pdbx_description
1 polymer 'LysM type receptor kinase'
2 branched 2-acetamido-2-deoxy-beta-D-glucopyranose-(1-4)-2-acetamido-2-deoxy-beta-D-glucopyranose-(1-4)-2-acetamido-2-deoxy-beta-D-glucopyranose-(1-4)-2-acetamido-2-deoxy-beta-D-glucopyranose-(1-4)-2-acetamido-2-deoxy-beta-D-glucopyranose-(1-4)-2-acetamido-2-deoxy-beta-D-glucopyranose-(1-4)-2-acetamido-2-deoxy-beta-D-glucopyranose-(1-4)-2-acetamido-2-deoxy-beta-D-glucopyranose
3 branched 2-acetamido-2-deoxy-beta-D-glucopyranose-(1-4)-2-acetamido-2-deoxy-beta-D-glucopyranose
4 branched beta-D-mannopyranose-(1-4)-2-acetamido-2-deoxy-beta-D-glucopyranose-(1-4)-2-acetamido-2-deoxy-beta-D-glucopyranose
5 branched alpha-D-mannopyranose-(1-3)-[alpha-D-mannopyranose-(1-6)]beta-D-mannopyranose-(1-4)-2-acetamido-2-deoxy-beta-D-glucopyranose-(1-4)-[alpha-L-fucopyranose-(1-6)]2-acetamido-2-deoxy-beta-D-glucopyranose
6 non-polymer IMIDAZOLE
7 non-polymer 1,2-ETHANEDIOL
8 water water
#
_entity_poly.entity_id   1
_entity_poly.type   'polypeptide(L)'
_entity_poly.pdbx_seq_one_letter_code
;(PCA)QEYLNNNQLDCDNTHNSTYGNVCNSVTSCQSYLTFKSSSPEYNTPSSISYLLNSTPSLVAKSNNITDVTPIITDT
MVTVPVTCSCSGGRYQHNATYNLKKTGETYFSIANNTYQSLTTCQALMAQNPYDAKNLFAGDDLHVPLRCACPTKKQSDA
GFKYLLTYLVSQGESPDSIAEIFGVDTQSVLDANELDSKSVVFYFTPLLVPLKTEPPARLQIAASPPESPPPAPAGNDSS
SSSKKWHHHHHH
;
_entity_poly.pdbx_strand_id   A
#
loop_
_chem_comp.id
_chem_comp.type
_chem_comp.name
_chem_comp.formula
BMA D-saccharide, beta linking beta-D-mannopyranose 'C6 H12 O6'
EDO non-polymer 1,2-ETHANEDIOL 'C2 H6 O2'
FUC L-saccharide, alpha linking alpha-L-fucopyranose 'C6 H12 O5'
IMD non-polymer IMIDAZOLE 'C3 H5 N2 1'
MAN D-saccharide, alpha linking alpha-D-mannopyranose 'C6 H12 O6'
NAG D-saccharide, beta linking 2-acetamido-2-deoxy-beta-D-glucopyranose 'C8 H15 N O6'
#
# COMPACT_ATOMS: atom_id res chain seq x y z
N PCA A 1 3.32 11.85 -10.56
CA PCA A 1 2.71 10.72 -11.24
CB PCA A 1 2.43 11.17 -12.67
CG PCA A 1 2.34 12.70 -12.50
CD PCA A 1 3.12 13.02 -11.22
OE PCA A 1 3.50 14.14 -10.87
C PCA A 1 3.54 9.45 -11.22
O PCA A 1 4.76 9.50 -11.25
HA PCA A 1 1.90 10.48 -10.78
HB2 PCA A 1 3.16 10.91 -13.27
HB3 PCA A 1 1.61 10.78 -13.02
HG2 PCA A 1 2.73 13.20 -13.23
HG3 PCA A 1 1.43 13.01 -12.39
N GLN A 2 2.84 8.31 -11.11
CA GLN A 2 3.44 6.97 -11.25
C GLN A 2 2.55 6.12 -12.16
N GLU A 3 3.12 5.11 -12.83
CA GLU A 3 2.33 4.20 -13.66
C GLU A 3 1.35 3.40 -12.81
N TYR A 4 0.17 3.14 -13.37
CA TYR A 4 -0.81 2.26 -12.74
C TYR A 4 -0.44 0.80 -12.93
N LEU A 5 -0.55 0.01 -11.85
CA LEU A 5 -0.11 -1.39 -11.93
C LEU A 5 -0.91 -2.18 -12.95
N ASN A 6 -2.20 -1.88 -13.09
CA ASN A 6 -3.02 -2.36 -14.20
C ASN A 6 -3.14 -3.88 -14.25
N ASN A 7 -3.17 -4.53 -13.09
CA ASN A 7 -3.29 -5.98 -12.96
C ASN A 7 -2.06 -6.74 -13.47
N ASN A 8 -0.97 -6.04 -13.79
CA ASN A 8 0.25 -6.72 -14.23
C ASN A 8 0.86 -7.57 -13.11
N GLN A 9 0.50 -7.29 -11.86
CA GLN A 9 0.98 -8.05 -10.71
C GLN A 9 0.32 -9.43 -10.57
N LEU A 10 -0.74 -9.72 -11.35
CA LEU A 10 -1.44 -10.99 -11.18
C LEU A 10 -0.77 -12.13 -11.95
N ASP A 11 0.20 -11.83 -12.80
CA ASP A 11 0.91 -12.79 -13.64
C ASP A 11 2.39 -12.64 -13.33
N CYS A 12 2.97 -13.59 -12.62
CA CYS A 12 4.32 -13.39 -12.14
C CYS A 12 5.38 -13.62 -13.20
N ASP A 13 5.01 -13.98 -14.43
CA ASP A 13 5.94 -13.97 -15.55
C ASP A 13 5.95 -12.62 -16.27
N ASN A 14 5.05 -11.72 -15.90
CA ASN A 14 4.95 -10.38 -16.47
C ASN A 14 6.06 -9.52 -15.90
N THR A 15 6.73 -8.76 -16.79
CA THR A 15 7.90 -7.97 -16.39
C THR A 15 7.68 -6.48 -16.61
N HIS A 16 6.43 -6.02 -16.57
CA HIS A 16 6.16 -4.60 -16.73
C HIS A 16 6.86 -3.77 -15.67
N ASN A 17 7.38 -2.63 -16.10
CA ASN A 17 8.19 -1.77 -15.25
C ASN A 17 7.50 -1.48 -13.93
N SER A 18 6.19 -1.24 -14.00
CA SER A 18 5.45 -0.83 -12.83
C SER A 18 5.51 -1.85 -11.71
N THR A 19 5.67 -3.14 -12.08
CA THR A 19 5.63 -4.19 -11.08
C THR A 19 6.83 -4.17 -10.15
N TYR A 20 7.93 -3.53 -10.55
CA TYR A 20 9.12 -3.48 -9.70
C TYR A 20 9.08 -2.36 -8.68
N GLY A 21 8.04 -1.51 -8.73
CA GLY A 21 7.88 -0.45 -7.76
C GLY A 21 7.69 0.93 -8.38
N ASN A 22 7.11 1.83 -7.61
CA ASN A 22 7.09 3.23 -8.00
C ASN A 22 8.53 3.70 -8.20
N VAL A 23 8.69 4.65 -9.12
CA VAL A 23 10.03 5.14 -9.50
C VAL A 23 10.39 6.37 -8.68
N CYS A 24 11.65 6.43 -8.27
CA CYS A 24 12.18 7.56 -7.50
C CYS A 24 12.32 8.76 -8.42
N ASN A 25 11.33 9.65 -8.37
CA ASN A 25 11.26 10.79 -9.27
C ASN A 25 11.07 12.11 -8.52
N SER A 26 11.35 12.11 -7.22
CA SER A 26 11.21 13.35 -6.43
C SER A 26 12.12 13.26 -5.20
N VAL A 27 11.70 13.92 -4.12
CA VAL A 27 12.49 13.90 -2.89
C VAL A 27 12.77 12.46 -2.46
N THR A 28 13.97 12.21 -1.91
CA THR A 28 14.42 10.84 -1.71
C THR A 28 13.84 10.16 -0.47
N SER A 29 13.19 10.91 0.41
CA SER A 29 12.46 10.32 1.54
C SER A 29 11.35 11.29 1.94
N CYS A 30 10.24 10.72 2.44
CA CYS A 30 9.10 11.52 2.87
C CYS A 30 8.18 10.71 3.77
N GLN A 31 7.26 11.40 4.44
CA GLN A 31 6.13 10.75 5.08
C GLN A 31 5.12 10.31 4.03
N SER A 32 4.55 9.12 4.22
CA SER A 32 3.54 8.58 3.32
CA SER A 32 3.53 8.60 3.32
C SER A 32 2.54 7.76 4.13
N TYR A 33 1.59 7.16 3.42
CA TYR A 33 0.56 6.33 4.02
C TYR A 33 0.25 5.11 3.16
N LEU A 34 0.10 3.96 3.81
CA LEU A 34 -0.56 2.81 3.23
C LEU A 34 -1.98 2.68 3.78
N THR A 35 -2.74 1.79 3.17
CA THR A 35 -4.01 1.32 3.69
C THR A 35 -4.01 -0.20 3.70
N PHE A 36 -4.87 -0.77 4.55
CA PHE A 36 -4.89 -2.20 4.81
C PHE A 36 -6.26 -2.54 5.38
N LYS A 37 -6.84 -3.65 4.94
CA LYS A 37 -8.13 -4.10 5.46
C LYS A 37 -7.92 -5.08 6.60
N SER A 38 -8.48 -4.77 7.77
CA SER A 38 -8.31 -5.65 8.92
CA SER A 38 -8.30 -5.65 8.91
C SER A 38 -8.67 -7.07 8.55
N SER A 39 -7.82 -8.02 8.94
CA SER A 39 -7.98 -9.43 8.65
C SER A 39 -7.90 -10.21 9.95
N SER A 40 -8.98 -10.90 10.30
CA SER A 40 -9.02 -11.65 11.55
CA SER A 40 -9.03 -11.66 11.55
C SER A 40 -8.66 -13.12 11.31
N PRO A 41 -7.94 -13.76 12.23
CA PRO A 41 -7.49 -13.23 13.52
C PRO A 41 -6.05 -12.70 13.53
N GLU A 42 -5.31 -12.78 12.43
CA GLU A 42 -3.88 -12.53 12.47
CA GLU A 42 -3.87 -12.52 12.50
C GLU A 42 -3.49 -11.05 12.38
N TYR A 43 -4.29 -10.23 11.70
CA TYR A 43 -3.89 -8.86 11.38
C TYR A 43 -5.05 -7.90 11.61
N ASN A 44 -5.52 -7.86 12.86
CA ASN A 44 -6.68 -7.04 13.21
C ASN A 44 -6.45 -6.14 14.44
N THR A 45 -5.21 -5.86 14.80
CA THR A 45 -4.89 -4.88 15.82
C THR A 45 -3.78 -3.96 15.35
N PRO A 46 -3.61 -2.82 16.00
CA PRO A 46 -2.45 -1.96 15.63
C PRO A 46 -1.12 -2.67 15.74
N SER A 47 -0.96 -3.56 16.73
CA SER A 47 0.29 -4.29 16.90
C SER A 47 0.57 -5.20 15.72
N SER A 48 -0.41 -6.00 15.32
CA SER A 48 -0.15 -7.00 14.29
C SER A 48 -0.09 -6.35 12.90
N ILE A 49 -0.92 -5.35 12.65
CA ILE A 49 -0.86 -4.67 11.35
C ILE A 49 0.46 -3.93 11.22
N SER A 50 0.90 -3.25 12.28
CA SER A 50 2.17 -2.55 12.21
CA SER A 50 2.18 -2.55 12.24
C SER A 50 3.34 -3.53 12.12
N TYR A 51 3.21 -4.72 12.72
CA TYR A 51 4.26 -5.72 12.57
C TYR A 51 4.39 -6.16 11.11
N LEU A 52 3.27 -6.45 10.46
CA LEU A 52 3.27 -6.88 9.06
C LEU A 52 3.85 -5.80 8.16
N LEU A 53 3.43 -4.55 8.37
CA LEU A 53 3.76 -3.46 7.46
C LEU A 53 4.92 -2.61 7.93
N ASN A 54 5.53 -2.93 9.05
CA ASN A 54 6.64 -2.17 9.62
C ASN A 54 6.30 -0.69 9.78
N SER A 55 5.24 -0.42 10.55
CA SER A 55 4.88 0.90 11.01
C SER A 55 5.11 0.90 12.53
N THR A 56 4.35 1.68 13.27
CA THR A 56 4.35 1.53 14.72
CA THR A 56 4.35 1.54 14.71
C THR A 56 2.91 1.52 15.20
N PRO A 57 2.62 0.83 16.31
CA PRO A 57 1.23 0.81 16.78
C PRO A 57 0.70 2.19 17.10
N SER A 58 1.54 3.06 17.68
CA SER A 58 1.08 4.41 17.99
CA SER A 58 1.11 4.42 17.99
C SER A 58 0.79 5.22 16.73
N LEU A 59 1.55 5.00 15.66
CA LEU A 59 1.24 5.69 14.41
C LEU A 59 -0.09 5.23 13.85
N VAL A 60 -0.34 3.91 13.84
CA VAL A 60 -1.64 3.41 13.38
C VAL A 60 -2.76 3.93 14.27
N ALA A 61 -2.56 3.95 15.59
CA ALA A 61 -3.59 4.42 16.48
C ALA A 61 -3.93 5.88 16.20
N LYS A 62 -2.91 6.72 16.12
CA LYS A 62 -3.15 8.14 15.89
C LYS A 62 -3.85 8.38 14.56
N SER A 63 -3.42 7.67 13.51
CA SER A 63 -3.93 7.89 12.16
C SER A 63 -5.40 7.52 12.06
N ASN A 64 -5.87 6.62 12.92
CA ASN A 64 -7.23 6.12 12.86
C ASN A 64 -8.06 6.50 14.07
N ASN A 65 -7.54 7.38 14.94
CA ASN A 65 -8.27 7.82 16.12
C ASN A 65 -8.78 6.64 16.95
N ILE A 66 -7.90 5.68 17.20
CA ILE A 66 -8.13 4.56 18.11
C ILE A 66 -6.97 4.49 19.11
N THR A 67 -7.03 3.54 20.04
CA THR A 67 -5.86 3.34 20.89
C THR A 67 -4.93 2.30 20.23
N ASP A 68 -3.72 2.18 20.77
CA ASP A 68 -2.73 1.29 20.19
C ASP A 68 -3.02 -0.18 20.46
N VAL A 69 -4.12 -0.48 21.18
CA VAL A 69 -4.53 -1.86 21.39
C VAL A 69 -5.97 -2.13 20.94
N THR A 70 -6.62 -1.15 20.31
CA THR A 70 -8.01 -1.32 19.91
C THR A 70 -8.15 -2.35 18.79
N PRO A 71 -8.92 -3.42 18.97
CA PRO A 71 -9.17 -4.33 17.84
C PRO A 71 -10.04 -3.69 16.77
N ILE A 72 -9.86 -4.17 15.56
CA ILE A 72 -10.44 -3.58 14.36
C ILE A 72 -11.30 -4.64 13.68
N ILE A 73 -12.58 -4.35 13.49
CA ILE A 73 -13.50 -5.30 12.87
C ILE A 73 -12.95 -5.71 11.49
N THR A 74 -13.08 -7.01 11.18
CA THR A 74 -12.63 -7.54 9.90
C THR A 74 -13.19 -6.74 8.73
N ASP A 75 -12.33 -6.48 7.77
CA ASP A 75 -12.63 -5.83 6.50
C ASP A 75 -12.66 -4.30 6.65
N THR A 76 -12.46 -3.77 7.85
CA THR A 76 -12.34 -2.33 8.01
C THR A 76 -11.01 -1.84 7.46
N MET A 77 -11.04 -0.79 6.65
CA MET A 77 -9.81 -0.20 6.14
CA MET A 77 -9.82 -0.20 6.14
C MET A 77 -9.21 0.76 7.15
N VAL A 78 -7.91 0.62 7.39
CA VAL A 78 -7.19 1.52 8.28
C VAL A 78 -6.04 2.15 7.51
N THR A 79 -5.68 3.38 7.90
CA THR A 79 -4.52 4.04 7.35
C THR A 79 -3.29 3.69 8.18
N VAL A 80 -2.16 3.59 7.50
CA VAL A 80 -0.91 3.13 8.12
C VAL A 80 0.21 4.10 7.76
N PRO A 81 0.60 5.00 8.66
CA PRO A 81 1.68 5.95 8.32
C PRO A 81 3.01 5.21 8.18
N VAL A 82 3.73 5.51 7.10
CA VAL A 82 5.05 4.93 6.87
C VAL A 82 5.99 5.96 6.25
N THR A 83 7.29 5.73 6.46
CA THR A 83 8.30 6.46 5.71
C THR A 83 8.51 5.80 4.36
N CYS A 84 8.55 6.60 3.30
CA CYS A 84 8.82 6.16 1.95
C CYS A 84 10.16 6.71 1.52
N SER A 85 11.04 5.84 1.00
CA SER A 85 12.37 6.29 0.60
CA SER A 85 12.40 6.25 0.64
C SER A 85 12.82 5.60 -0.67
N CYS A 86 13.79 6.22 -1.32
CA CYS A 86 14.33 5.71 -2.58
C CYS A 86 15.43 4.70 -2.31
N SER A 87 15.36 3.58 -3.04
CA SER A 87 16.42 2.58 -3.05
CA SER A 87 16.43 2.59 -3.05
C SER A 87 16.45 1.95 -4.44
N GLY A 88 17.63 1.89 -5.03
CA GLY A 88 17.76 1.28 -6.35
C GLY A 88 16.83 1.86 -7.39
N GLY A 89 16.62 3.17 -7.36
CA GLY A 89 15.76 3.82 -8.34
C GLY A 89 14.27 3.72 -8.09
N ARG A 90 13.85 3.10 -6.99
CA ARG A 90 12.44 2.89 -6.69
C ARG A 90 12.09 3.53 -5.35
N TYR A 91 10.83 3.99 -5.24
CA TYR A 91 10.28 4.32 -3.93
C TYR A 91 9.74 3.05 -3.30
N GLN A 92 10.02 2.84 -2.02
CA GLN A 92 9.42 1.73 -1.33
C GLN A 92 9.50 2.00 0.17
N HIS A 93 8.68 1.26 0.90
CA HIS A 93 8.80 1.17 2.34
C HIS A 93 9.08 -0.29 2.70
N ASN A 94 10.20 -0.51 3.39
CA ASN A 94 10.64 -1.87 3.62
C ASN A 94 9.92 -2.49 4.82
N ALA A 95 9.55 -3.76 4.67
CA ALA A 95 9.09 -4.58 5.80
C ALA A 95 9.76 -5.94 5.67
N THR A 96 9.52 -6.81 6.64
CA THR A 96 10.04 -8.16 6.65
CA THR A 96 10.04 -8.17 6.62
C THR A 96 8.90 -9.13 6.90
N TYR A 97 8.91 -10.27 6.18
CA TYR A 97 7.86 -11.27 6.32
C TYR A 97 8.48 -12.66 6.45
N ASN A 98 8.16 -13.35 7.55
CA ASN A 98 8.57 -14.73 7.72
C ASN A 98 7.44 -15.64 7.25
N LEU A 99 7.74 -16.57 6.34
CA LEU A 99 6.68 -17.43 5.84
C LEU A 99 6.16 -18.31 6.96
N LYS A 100 4.83 -18.45 7.05
CA LYS A 100 4.26 -19.22 8.14
C LYS A 100 4.04 -20.69 7.77
N LYS A 101 3.80 -20.98 6.50
CA LYS A 101 3.46 -22.34 6.09
C LYS A 101 4.06 -22.60 4.73
N THR A 102 4.68 -23.76 4.56
CA THR A 102 5.10 -24.16 3.23
C THR A 102 3.86 -24.31 2.36
N GLY A 103 3.94 -23.79 1.14
CA GLY A 103 2.78 -23.62 0.27
C GLY A 103 2.48 -22.18 -0.05
N GLU A 104 2.87 -21.28 0.84
CA GLU A 104 2.82 -19.86 0.50
C GLU A 104 3.77 -19.59 -0.67
N THR A 105 3.39 -18.62 -1.48
CA THR A 105 4.15 -18.26 -2.67
C THR A 105 4.38 -16.75 -2.68
N TYR A 106 5.33 -16.32 -3.50
CA TYR A 106 5.50 -14.89 -3.69
C TYR A 106 4.16 -14.26 -4.08
N PHE A 107 3.38 -14.95 -4.90
CA PHE A 107 2.10 -14.40 -5.31
C PHE A 107 1.11 -14.31 -4.15
N SER A 108 0.95 -15.40 -3.38
CA SER A 108 0.01 -15.35 -2.27
C SER A 108 0.43 -14.33 -1.22
N ILE A 109 1.74 -14.18 -1.00
CA ILE A 109 2.24 -13.20 -0.06
C ILE A 109 1.93 -11.79 -0.54
N ALA A 110 2.17 -11.53 -1.82
CA ALA A 110 1.96 -10.18 -2.36
C ALA A 110 0.47 -9.85 -2.43
N ASN A 111 -0.33 -10.78 -2.97
CA ASN A 111 -1.72 -10.50 -3.28
C ASN A 111 -2.66 -10.74 -2.10
N ASN A 112 -2.54 -11.89 -1.43
CA ASN A 112 -3.45 -12.21 -0.32
C ASN A 112 -2.97 -11.59 0.98
N THR A 113 -1.77 -11.95 1.43
CA THR A 113 -1.29 -11.50 2.74
C THR A 113 -1.13 -9.98 2.81
N TYR A 114 -0.39 -9.41 1.85
CA TYR A 114 -0.12 -7.97 1.80
C TYR A 114 -1.17 -7.22 1.00
N GLN A 115 -2.20 -7.90 0.54
CA GLN A 115 -3.39 -7.26 -0.05
C GLN A 115 -3.04 -6.33 -1.19
N SER A 116 -2.04 -6.72 -1.97
CA SER A 116 -1.58 -5.98 -3.16
CA SER A 116 -1.55 -6.00 -3.16
C SER A 116 -0.75 -4.74 -2.82
N LEU A 117 -0.28 -4.60 -1.59
CA LEU A 117 0.66 -3.54 -1.25
C LEU A 117 2.07 -3.81 -1.75
N THR A 118 2.38 -5.04 -2.19
CA THR A 118 3.60 -5.33 -2.92
C THR A 118 3.24 -6.23 -4.11
N THR A 119 4.25 -6.65 -4.86
CA THR A 119 4.02 -7.49 -6.04
C THR A 119 5.00 -8.65 -6.02
N CYS A 120 4.61 -9.75 -6.67
CA CYS A 120 5.51 -10.89 -6.75
C CYS A 120 6.79 -10.50 -7.48
N GLN A 121 6.70 -9.58 -8.46
CA GLN A 121 7.90 -9.22 -9.20
C GLN A 121 8.91 -8.50 -8.33
N ALA A 122 8.46 -7.57 -7.51
CA ALA A 122 9.38 -6.86 -6.62
C ALA A 122 9.91 -7.80 -5.56
N LEU A 123 9.08 -8.70 -5.03
CA LEU A 123 9.57 -9.69 -4.07
C LEU A 123 10.66 -10.53 -4.71
N MET A 124 10.44 -10.99 -5.95
CA MET A 124 11.45 -11.84 -6.58
C MET A 124 12.74 -11.06 -6.88
N ALA A 125 12.61 -9.77 -7.22
CA ALA A 125 13.78 -8.99 -7.55
C ALA A 125 14.63 -8.69 -6.32
N GLN A 126 14.03 -8.71 -5.15
CA GLN A 126 14.69 -8.25 -3.93
C GLN A 126 14.92 -9.38 -2.93
N ASN A 127 14.74 -10.63 -3.33
CA ASN A 127 15.01 -11.77 -2.48
C ASN A 127 15.74 -12.86 -3.25
N PRO A 128 16.52 -13.69 -2.56
CA PRO A 128 17.38 -14.68 -3.24
C PRO A 128 16.71 -16.00 -3.61
N TYR A 129 15.52 -16.30 -3.08
CA TYR A 129 14.93 -17.62 -3.26
C TYR A 129 14.19 -17.73 -4.59
N ASP A 130 14.35 -18.87 -5.25
CA ASP A 130 13.55 -19.15 -6.43
C ASP A 130 12.09 -19.32 -6.02
N ALA A 131 11.18 -18.90 -6.89
CA ALA A 131 9.75 -18.94 -6.58
C ALA A 131 9.27 -20.32 -6.20
N LYS A 132 9.89 -21.36 -6.75
CA LYS A 132 9.46 -22.72 -6.49
C LYS A 132 10.20 -23.34 -5.31
N ASN A 133 10.95 -22.55 -4.57
CA ASN A 133 11.80 -23.08 -3.50
C ASN A 133 11.65 -22.25 -2.23
N LEU A 134 10.42 -21.87 -1.89
CA LEU A 134 10.10 -21.17 -0.65
C LEU A 134 9.55 -22.15 0.38
N PHE A 135 9.88 -21.91 1.65
CA PHE A 135 9.46 -22.78 2.74
C PHE A 135 9.12 -21.93 3.96
N ALA A 136 8.30 -22.52 4.84
CA ALA A 136 8.04 -21.92 6.13
C ALA A 136 9.37 -21.55 6.79
N GLY A 137 9.42 -20.36 7.39
CA GLY A 137 10.59 -19.88 8.07
C GLY A 137 11.51 -19.01 7.24
N ASP A 138 11.39 -19.04 5.91
CA ASP A 138 12.15 -18.12 5.08
C ASP A 138 11.72 -16.69 5.39
N ASP A 139 12.70 -15.78 5.51
CA ASP A 139 12.44 -14.37 5.78
CA ASP A 139 12.44 -14.37 5.77
C ASP A 139 12.58 -13.60 4.47
N LEU A 140 11.54 -12.85 4.11
CA LEU A 140 11.53 -12.09 2.87
C LEU A 140 11.65 -10.60 3.17
N HIS A 141 12.44 -9.91 2.35
CA HIS A 141 12.44 -8.45 2.29
C HIS A 141 11.23 -8.04 1.48
N VAL A 142 10.36 -7.21 2.05
CA VAL A 142 9.09 -6.87 1.43
C VAL A 142 9.14 -5.41 1.00
N PRO A 143 9.16 -5.10 -0.28
CA PRO A 143 9.14 -3.70 -0.72
C PRO A 143 7.73 -3.15 -0.94
N LEU A 144 7.20 -2.51 0.08
CA LEU A 144 5.84 -2.00 0.03
C LEU A 144 5.72 -0.75 -0.84
N ARG A 145 4.60 -0.65 -1.54
CA ARG A 145 4.41 0.38 -2.57
C ARG A 145 3.99 1.69 -1.92
N CYS A 146 4.77 2.73 -2.16
CA CYS A 146 4.50 4.08 -1.71
C CYS A 146 5.24 5.01 -2.66
N ALA A 147 4.92 6.30 -2.56
CA ALA A 147 5.68 7.28 -3.31
C ALA A 147 5.62 8.61 -2.57
N CYS A 148 6.49 9.54 -2.99
CA CYS A 148 6.53 10.89 -2.48
C CYS A 148 6.04 11.86 -3.55
N PRO A 149 5.38 12.95 -3.16
CA PRO A 149 4.85 13.87 -4.16
C PRO A 149 5.96 14.44 -5.03
N THR A 150 5.68 14.50 -6.33
CA THR A 150 6.54 15.22 -7.25
C THR A 150 6.45 16.72 -7.00
N LYS A 151 7.35 17.46 -7.65
CA LYS A 151 7.30 18.92 -7.58
C LYS A 151 5.93 19.44 -7.98
N LYS A 152 5.38 18.90 -9.09
CA LYS A 152 4.09 19.34 -9.58
C LYS A 152 2.99 19.07 -8.56
N GLN A 153 3.02 17.88 -7.93
CA GLN A 153 2.05 17.57 -6.90
C GLN A 153 2.21 18.46 -5.67
N SER A 154 3.45 18.63 -5.21
CA SER A 154 3.71 19.50 -4.06
C SER A 154 3.19 20.92 -4.32
N ASP A 155 3.44 21.48 -5.51
CA ASP A 155 3.00 22.83 -5.85
C ASP A 155 1.48 22.96 -5.82
N ALA A 156 0.77 21.86 -6.07
CA ALA A 156 -0.68 21.82 -6.03
C ALA A 156 -1.24 21.69 -4.62
N GLY A 157 -0.38 21.61 -3.62
CA GLY A 157 -0.77 21.55 -2.24
C GLY A 157 -0.80 20.16 -1.65
N PHE A 158 -0.34 19.15 -2.40
CA PHE A 158 -0.36 17.78 -1.91
C PHE A 158 0.86 17.51 -1.05
N LYS A 159 0.63 17.22 0.23
CA LYS A 159 1.66 16.97 1.21
C LYS A 159 2.08 15.52 1.27
N TYR A 160 1.18 14.61 0.90
CA TYR A 160 1.42 13.18 0.98
C TYR A 160 0.81 12.49 -0.23
N LEU A 161 1.29 11.28 -0.51
CA LEU A 161 0.60 10.33 -1.37
C LEU A 161 0.22 9.13 -0.51
N LEU A 162 -0.99 8.64 -0.70
CA LEU A 162 -1.53 7.48 0.01
C LEU A 162 -1.76 6.32 -0.95
N THR A 163 -1.30 5.14 -0.56
CA THR A 163 -1.53 3.92 -1.35
C THR A 163 -2.87 3.32 -0.91
N TYR A 164 -3.87 3.38 -1.80
CA TYR A 164 -5.24 3.01 -1.48
C TYR A 164 -5.59 1.68 -2.12
N LEU A 165 -6.11 0.75 -1.31
CA LEU A 165 -6.53 -0.56 -1.78
C LEU A 165 -7.97 -0.51 -2.26
N VAL A 166 -8.18 -0.75 -3.56
CA VAL A 166 -9.47 -0.55 -4.19
C VAL A 166 -10.34 -1.78 -3.99
N SER A 167 -11.60 -1.55 -3.62
CA SER A 167 -12.58 -2.59 -3.43
C SER A 167 -13.59 -2.58 -4.56
N GLN A 168 -14.28 -3.70 -4.73
CA GLN A 168 -15.23 -3.84 -5.80
C GLN A 168 -16.32 -2.77 -5.71
N GLY A 169 -16.55 -2.10 -6.84
CA GLY A 169 -17.60 -1.10 -6.95
C GLY A 169 -17.15 0.33 -6.80
N GLU A 170 -15.90 0.56 -6.42
CA GLU A 170 -15.39 1.92 -6.27
C GLU A 170 -14.95 2.45 -7.63
N SER A 171 -14.70 3.75 -7.69
CA SER A 171 -14.24 4.41 -8.90
C SER A 171 -13.28 5.53 -8.50
N PRO A 172 -12.51 6.07 -9.45
CA PRO A 172 -11.71 7.26 -9.13
C PRO A 172 -12.54 8.39 -8.52
N ASP A 173 -13.79 8.56 -8.99
CA ASP A 173 -14.67 9.59 -8.43
C ASP A 173 -15.01 9.31 -6.97
N SER A 174 -15.45 8.08 -6.67
CA SER A 174 -15.87 7.78 -5.30
C SER A 174 -14.69 7.83 -4.35
N ILE A 175 -13.50 7.43 -4.81
CA ILE A 175 -12.31 7.48 -3.96
C ILE A 175 -11.87 8.91 -3.71
N ALA A 176 -11.87 9.74 -4.75
CA ALA A 176 -11.51 11.14 -4.57
C ALA A 176 -12.42 11.80 -3.54
N GLU A 177 -13.71 11.45 -3.57
CA GLU A 177 -14.66 12.04 -2.65
C GLU A 177 -14.30 11.73 -1.20
N ILE A 178 -13.80 10.52 -0.94
CA ILE A 178 -13.43 10.15 0.42
C ILE A 178 -12.46 11.16 1.00
N PHE A 179 -11.50 11.59 0.19
CA PHE A 179 -10.37 12.39 0.65
C PHE A 179 -10.53 13.88 0.34
N GLY A 180 -11.63 14.28 -0.30
CA GLY A 180 -11.85 15.69 -0.55
C GLY A 180 -10.95 16.26 -1.61
N VAL A 181 -10.47 15.43 -2.54
CA VAL A 181 -9.62 15.89 -3.62
C VAL A 181 -10.39 15.77 -4.93
N ASP A 182 -9.89 16.45 -5.95
CA ASP A 182 -10.55 16.36 -7.23
C ASP A 182 -10.17 15.06 -7.93
N THR A 183 -11.12 14.51 -8.71
CA THR A 183 -10.87 13.24 -9.38
C THR A 183 -9.69 13.34 -10.32
N GLN A 184 -9.51 14.50 -11.00
CA GLN A 184 -8.42 14.62 -11.96
C GLN A 184 -7.05 14.44 -11.29
N SER A 185 -6.90 14.89 -10.05
N SER A 185 -6.90 14.89 -10.05
CA SER A 185 -5.63 14.71 -9.35
CA SER A 185 -5.62 14.70 -9.37
C SER A 185 -5.35 13.24 -9.10
C SER A 185 -5.35 13.23 -9.06
N VAL A 186 -6.39 12.46 -8.80
CA VAL A 186 -6.22 11.02 -8.61
C VAL A 186 -5.81 10.36 -9.92
N LEU A 187 -6.49 10.74 -11.01
CA LEU A 187 -6.11 10.21 -12.31
C LEU A 187 -4.68 10.55 -12.65
N ASP A 188 -4.30 11.83 -12.47
CA ASP A 188 -2.93 12.25 -12.78
C ASP A 188 -1.92 11.47 -11.96
N ALA A 189 -2.25 11.20 -10.70
CA ALA A 189 -1.30 10.55 -9.81
C ALA A 189 -0.96 9.15 -10.27
N ASN A 190 -1.82 8.55 -11.10
CA ASN A 190 -1.66 7.17 -11.54
C ASN A 190 -1.53 7.06 -13.05
N GLU A 191 -1.25 8.19 -13.73
CA GLU A 191 -1.12 8.19 -15.19
C GLU A 191 -2.29 7.50 -15.88
N LEU A 192 -3.51 7.87 -15.43
CA LEU A 192 -4.77 7.35 -15.94
C LEU A 192 -5.56 8.52 -16.52
N ASP A 193 -6.64 8.19 -17.22
CA ASP A 193 -7.55 9.22 -17.72
C ASP A 193 -8.99 8.86 -17.37
N SER A 194 -9.94 9.68 -17.80
CA SER A 194 -11.31 9.51 -17.34
C SER A 194 -11.96 8.23 -17.84
N LYS A 195 -11.39 7.58 -18.86
CA LYS A 195 -11.92 6.33 -19.37
C LYS A 195 -11.19 5.10 -18.84
N SER A 196 -10.06 5.30 -18.15
CA SER A 196 -9.27 4.17 -17.67
C SER A 196 -10.08 3.29 -16.74
N VAL A 197 -9.91 1.99 -16.91
CA VAL A 197 -10.49 1.01 -16.00
C VAL A 197 -9.60 0.85 -14.77
N VAL A 198 -10.19 0.84 -13.59
CA VAL A 198 -9.47 0.61 -12.34
C VAL A 198 -10.01 -0.68 -11.73
N PHE A 199 -9.11 -1.60 -11.41
CA PHE A 199 -9.52 -2.92 -10.94
C PHE A 199 -9.55 -2.97 -9.41
N TYR A 200 -10.46 -3.79 -8.88
CA TYR A 200 -10.38 -4.06 -7.45
C TYR A 200 -9.17 -4.95 -7.16
N PHE A 201 -8.73 -4.95 -5.92
CA PHE A 201 -7.53 -5.66 -5.47
C PHE A 201 -6.23 -5.14 -6.11
N THR A 202 -6.24 -3.95 -6.70
CA THR A 202 -5.03 -3.34 -7.23
C THR A 202 -4.91 -1.95 -6.60
N PRO A 203 -3.74 -1.57 -6.09
CA PRO A 203 -3.60 -0.30 -5.38
C PRO A 203 -3.65 0.88 -6.34
N LEU A 204 -3.97 2.03 -5.76
CA LEU A 204 -4.14 3.28 -6.47
C LEU A 204 -3.57 4.37 -5.57
N LEU A 205 -2.74 5.25 -6.12
CA LEU A 205 -2.20 6.37 -5.34
C LEU A 205 -3.24 7.50 -5.24
N VAL A 206 -3.38 8.06 -4.06
CA VAL A 206 -4.28 9.19 -3.83
C VAL A 206 -3.46 10.33 -3.26
N PRO A 207 -3.43 11.49 -3.92
CA PRO A 207 -2.70 12.64 -3.34
C PRO A 207 -3.55 13.28 -2.26
N LEU A 208 -2.89 13.71 -1.17
CA LEU A 208 -3.58 14.26 0.00
C LEU A 208 -3.07 15.66 0.31
N LYS A 209 -4.00 16.58 0.59
CA LYS A 209 -3.60 17.92 1.02
C LYS A 209 -3.34 17.99 2.51
N THR A 210 -3.85 17.02 3.26
CA THR A 210 -3.74 16.99 4.71
C THR A 210 -3.78 15.53 5.13
N GLU A 211 -3.67 15.29 6.44
CA GLU A 211 -3.73 13.92 6.91
C GLU A 211 -5.08 13.33 6.51
N PRO A 212 -5.12 12.03 6.25
CA PRO A 212 -6.37 11.39 5.80
C PRO A 212 -7.41 11.40 6.91
N PRO A 213 -8.69 11.25 6.57
CA PRO A 213 -9.71 11.08 7.60
C PRO A 213 -9.36 9.91 8.50
N ALA A 214 -9.68 10.05 9.79
CA ALA A 214 -9.29 9.02 10.74
C ALA A 214 -10.11 7.74 10.56
N ARG A 215 -11.40 7.86 10.33
CA ARG A 215 -12.25 6.68 10.14
C ARG A 215 -12.70 6.67 8.67
N LEU A 216 -12.09 5.80 7.86
CA LEU A 216 -12.44 5.76 6.45
C LEU A 216 -13.78 5.09 6.20
N GLN A 217 -14.19 4.16 7.06
CA GLN A 217 -15.47 3.49 6.85
C GLN A 217 -16.60 4.51 6.70
N ILE A 218 -16.59 5.56 7.52
CA ILE A 218 -17.64 6.57 7.44
C ILE A 218 -17.37 7.56 6.31
N ALA A 219 -16.10 7.87 6.04
CA ALA A 219 -15.78 8.72 4.90
C ALA A 219 -16.23 8.07 3.60
N ALA A 220 -16.10 6.74 3.50
CA ALA A 220 -16.42 6.00 2.29
C ALA A 220 -17.92 5.77 2.11
N SER A 221 -18.73 5.99 3.15
CA SER A 221 -20.18 5.84 3.02
C SER A 221 -20.77 7.06 2.30
N PRO A 222 -21.78 6.86 1.43
CA PRO A 222 -22.36 7.98 0.68
C PRO A 222 -23.26 8.87 1.54
C1 NAG B . -17.21 2.41 -12.92
C2 NAG B . -17.60 1.34 -13.95
C3 NAG B . -17.25 -0.03 -13.36
C4 NAG B . -15.79 -0.09 -12.96
C5 NAG B . -15.36 1.14 -12.16
C6 NAG B . -13.85 1.25 -12.00
C7 NAG B . -19.37 1.90 -15.54
C8 NAG B . -20.84 1.94 -15.79
N2 NAG B . -18.98 1.45 -14.32
O1 NAG B . -17.53 3.65 -13.42
O3 NAG B . -17.53 -1.03 -14.31
O4 NAG B . -15.63 -1.30 -12.21
O5 NAG B . -15.81 2.34 -12.75
O6 NAG B . -13.23 1.47 -13.26
O7 NAG B . -18.58 2.23 -16.41
H1 NAG B . -17.65 2.25 -12.08
H2 NAG B . -17.09 1.46 -14.77
H3 NAG B . -17.80 -0.14 -12.57
H4 NAG B . -15.26 -0.08 -13.78
H5 NAG B . -15.76 1.06 -11.29
H61 NAG B . -13.53 0.42 -11.59
H62 NAG B . -13.66 1.96 -11.37
H81 NAG B . -21.00 2.22 -16.70
H82 NAG B . -21.25 2.57 -15.17
H83 NAG B . -21.21 1.06 -15.64
HN2 NAG B . -19.57 1.23 -13.74
HO1 NAG B . -17.38 4.24 -12.83
HO3 NAG B . -17.15 -1.75 -14.06
HO6 NAG B . -13.57 2.18 -13.59
C1 NAG B . -14.71 -2.18 -12.82
C2 NAG B . -14.05 -3.05 -11.74
C3 NAG B . -13.01 -3.96 -12.42
C4 NAG B . -13.68 -4.78 -13.52
C5 NAG B . -14.42 -3.81 -14.46
C6 NAG B . -15.17 -4.49 -15.58
C7 NAG B . -13.93 -2.10 -9.49
C8 NAG B . -13.15 -1.20 -8.57
N2 NAG B . -13.46 -2.23 -10.75
O3 NAG B . -12.37 -4.74 -11.44
O4 NAG B . -12.68 -5.42 -14.27
O5 NAG B . -15.34 -3.04 -13.71
O6 NAG B . -16.14 -5.32 -14.97
O7 NAG B . -14.93 -2.69 -9.11
H2 NAG B . -14.72 -3.60 -11.31
H3 NAG B . -12.35 -3.40 -12.86
H4 NAG B . -14.27 -5.40 -13.06
H5 NAG B . -13.75 -3.25 -14.87
H61 NAG B . -14.55 -4.98 -16.13
H62 NAG B . -15.57 -3.80 -16.14
H81 NAG B . -13.63 -1.11 -7.73
H82 NAG B . -13.04 -0.34 -9.00
H83 NAG B . -12.28 -1.60 -8.42
HN2 NAG B . -12.74 -1.79 -10.96
HO3 NAG B . -11.74 -5.17 -11.82
HO6 NAG B . -16.43 -4.91 -14.28
C1 NAG B . -12.54 -6.80 -13.99
C2 NAG B . -11.91 -7.47 -15.24
C3 NAG B . -11.60 -8.92 -14.89
C4 NAG B . -10.75 -9.01 -13.63
C5 NAG B . -11.43 -8.26 -12.48
C6 NAG B . -10.62 -8.25 -11.20
C7 NAG B . -12.46 -6.50 -17.45
C8 NAG B . -13.41 -6.53 -18.59
N2 NAG B . -12.72 -7.37 -16.44
O3 NAG B . -10.94 -9.50 -15.99
O4 NAG B . -10.65 -10.38 -13.28
O5 NAG B . -11.67 -6.93 -12.88
O6 NAG B . -9.32 -7.74 -11.44
O7 NAG B . -11.50 -5.73 -17.47
H2 NAG B . -11.10 -6.98 -15.45
H3 NAG B . -12.45 -9.36 -14.71
H4 NAG B . -9.90 -8.61 -13.83
H5 NAG B . -12.27 -8.70 -12.27
H61 NAG B . -10.58 -9.15 -10.85
H62 NAG B . -11.10 -7.72 -10.54
H81 NAG B . -12.94 -6.34 -19.41
H82 NAG B . -14.10 -5.87 -18.45
H83 NAG B . -13.81 -7.42 -18.65
HN2 NAG B . -13.40 -7.88 -16.51
HO3 NAG B . -10.15 -9.68 -15.76
HO6 NAG B . -9.23 -7.02 -11.00
C1 NAG B . -9.28 -10.79 -13.12
C2 NAG B . -9.24 -12.06 -12.28
C3 NAG B . -7.84 -12.66 -12.16
C4 NAG B . -7.13 -12.71 -13.48
C5 NAG B . -7.30 -11.37 -14.22
C6 NAG B . -6.69 -11.38 -15.61
C7 NAG B . -10.97 -12.21 -10.53
C8 NAG B . -11.30 -11.81 -9.14
N2 NAG B . -9.76 -11.79 -10.96
O3 NAG B . -8.07 -13.94 -11.61
O4 NAG B . -5.74 -12.91 -13.28
O5 NAG B . -8.66 -11.03 -14.35
O6 NAG B . -7.34 -12.40 -16.33
O7 NAG B . -11.72 -12.89 -11.23
H2 NAG B . -9.78 -12.71 -12.74
H3 NAG B . -7.29 -12.09 -11.60
H4 NAG B . -7.57 -13.45 -13.97
H5 NAG B . -6.84 -10.70 -13.69
H61 NAG B . -5.74 -11.52 -15.54
H62 NAG B . -6.82 -10.50 -16.02
H81 NAG B . -12.12 -12.25 -8.86
H82 NAG B . -11.42 -10.85 -9.09
H83 NAG B . -10.58 -12.08 -8.54
HN2 NAG B . -9.27 -11.32 -10.42
HO3 NAG B . -7.36 -14.19 -11.22
HO6 NAG B . -8.17 -12.40 -16.12
C1 NAG B . -5.31 -14.29 -13.20
C2 NAG B . -3.85 -14.30 -13.63
C3 NAG B . -3.12 -15.60 -13.27
C4 NAG B . -3.37 -16.02 -11.82
C5 NAG B . -4.87 -15.98 -11.58
C6 NAG B . -5.23 -16.30 -10.15
C7 NAG B . -3.22 -12.89 -15.55
C8 NAG B . -3.21 -12.78 -17.05
N2 NAG B . -3.76 -14.01 -15.05
O3 NAG B . -1.74 -15.41 -13.52
O4 NAG B . -2.90 -17.35 -11.66
O5 NAG B . -5.41 -14.71 -11.87
O6 NAG B . -6.64 -16.34 -10.05
O7 NAG B . -2.75 -12.03 -14.84
H2 NAG B . -3.39 -13.60 -13.13
H3 NAG B . -3.51 -16.28 -13.82
H4 NAG B . -2.87 -15.40 -11.26
H5 NAG B . -5.25 -16.64 -12.17
H61 NAG B . -4.85 -15.64 -9.56
H62 NAG B . -4.83 -17.16 -9.91
H81 NAG B . -2.70 -12.00 -17.32
H82 NAG B . -4.11 -12.72 -17.37
H83 NAG B . -2.78 -13.58 -17.43
HN2 NAG B . -4.08 -14.61 -15.59
HO3 NAG B . -1.50 -14.71 -13.10
HO6 NAG B . -6.85 -16.53 -9.25
C1 NAG B . -1.89 -17.47 -10.66
C2 NAG B . -1.78 -18.96 -10.36
C3 NAG B . -0.65 -19.24 -9.38
C4 NAG B . 0.63 -18.62 -9.86
C5 NAG B . 0.43 -17.14 -10.22
C6 NAG B . 1.68 -16.57 -10.89
C7 NAG B . -3.90 -20.19 -10.52
C8 NAG B . -5.15 -20.50 -9.77
N2 NAG B . -3.05 -19.41 -9.86
O3 NAG B . -0.60 -20.66 -9.29
O4 NAG B . 1.57 -18.67 -8.82
O5 NAG B . -0.65 -16.98 -11.12
O6 NAG B . 1.57 -15.20 -11.11
O7 NAG B . -3.69 -20.65 -11.63
H2 NAG B . -1.55 -19.43 -11.18
H3 NAG B . -0.84 -18.84 -8.52
H4 NAG B . 0.87 -19.14 -10.64
H5 NAG B . 0.22 -16.63 -9.42
H61 NAG B . 1.83 -17.06 -11.71
H62 NAG B . 2.43 -16.77 -10.31
H81 NAG B . -5.75 -21.02 -10.32
H82 NAG B . -5.58 -19.66 -9.50
H83 NAG B . -4.93 -21.01 -8.97
HN2 NAG B . -3.27 -19.13 -9.07
HO3 NAG B . -0.15 -20.85 -8.60
HO6 NAG B . 1.54 -14.81 -10.37
C1 NAG B . 2.46 -19.77 -8.89
C2 NAG B . 3.64 -19.38 -8.04
C3 NAG B . 4.63 -20.55 -7.88
C4 NAG B . 3.90 -21.80 -7.44
C5 NAG B . 2.65 -22.05 -8.29
C6 NAG B . 1.88 -23.23 -7.69
C7 NAG B . 4.78 -17.21 -7.77
C8 NAG B . 5.67 -16.22 -8.43
N2 NAG B . 4.43 -18.27 -8.51
O3 NAG B . 5.61 -20.20 -6.95
O4 NAG B . 4.88 -22.83 -7.54
O5 NAG B . 1.83 -20.90 -8.34
O6 NAG B . 0.65 -23.39 -8.36
O7 NAG B . 4.42 -17.02 -6.62
H2 NAG B . 3.20 -19.12 -7.21
H3 NAG B . 5.01 -20.69 -8.76
H4 NAG B . 3.58 -21.68 -6.54
H5 NAG B . 2.89 -22.26 -9.20
H61 NAG B . 1.75 -23.06 -6.74
H62 NAG B . 2.43 -24.02 -7.76
H81 NAG B . 5.44 -15.34 -8.13
H82 NAG B . 5.55 -16.29 -9.39
H83 NAG B . 6.59 -16.42 -8.20
HN2 NAG B . 4.69 -18.29 -9.33
HO3 NAG B . 5.50 -20.68 -6.26
HO6 NAG B . 0.19 -23.96 -7.94
C1 NAG B . 4.99 -23.52 -6.30
C2 NAG B . 5.61 -24.89 -6.57
C3 NAG B . 5.76 -25.62 -5.25
C4 NAG B . 6.47 -24.74 -4.23
C5 NAG B . 5.83 -23.35 -4.12
C6 NAG B . 6.59 -22.42 -3.19
C7 NAG B . 5.14 -25.84 -8.79
C8 NAG B . 4.20 -26.69 -9.59
N2 NAG B . 4.83 -25.68 -7.49
O3 NAG B . 6.45 -26.81 -5.55
O4 NAG B . 6.41 -25.37 -2.98
O5 NAG B . 5.77 -22.78 -5.38
O6 NAG B . 7.92 -22.31 -3.62
O7 NAG B . 6.12 -25.35 -9.32
H2 NAG B . 6.47 -24.76 -7.00
H3 NAG B . 4.89 -25.79 -4.86
H4 NAG B . 7.37 -24.66 -4.59
H5 NAG B . 4.94 -23.45 -3.73
H61 NAG B . 6.53 -22.76 -2.29
H62 NAG B . 6.14 -21.56 -3.19
H81 NAG B . 4.43 -26.60 -10.54
H82 NAG B . 3.30 -26.40 -9.44
H83 NAG B . 4.30 -27.62 -9.31
HN2 NAG B . 4.13 -26.07 -7.18
HO3 NAG B . 6.49 -27.27 -4.84
HO4 NAG B . 7.13 -25.80 -2.84
HO6 NAG B . 7.95 -21.76 -4.26
C1 NAG C . -5.88 -11.91 -4.26
C2 NAG C . -6.62 -13.19 -4.67
C3 NAG C . -8.12 -13.05 -4.41
C4 NAG C . -8.37 -12.61 -2.98
C5 NAG C . -7.56 -11.36 -2.64
C6 NAG C . -7.68 -10.99 -1.16
C7 NAG C . -6.75 -12.78 -7.11
C8 NAG C . -6.37 -13.39 -8.44
N2 NAG C . -6.39 -13.52 -6.06
O3 NAG C . -8.72 -14.30 -4.64
O4 NAG C . -9.75 -12.37 -2.79
O5 NAG C . -6.21 -11.58 -2.93
O6 NAG C . -6.78 -9.96 -0.84
O7 NAG C . -7.30 -11.70 -7.03
H2 NAG C . -6.25 -13.91 -4.13
H3 NAG C . -8.45 -12.36 -5.00
H4 NAG C . -8.06 -13.35 -2.43
H5 NAG C . -7.89 -10.60 -3.16
H61 NAG C . -7.50 -11.80 -0.64
H62 NAG C . -8.60 -10.75 -0.98
H81 NAG C . -6.66 -12.79 -9.15
H82 NAG C . -6.82 -14.24 -8.53
H83 NAG C . -5.41 -13.51 -8.48
HN2 NAG C . -6.00 -14.27 -6.21
HO3 NAG C . -9.55 -14.22 -4.49
HO6 NAG C . -6.01 -10.18 -1.11
C1 NAG C . -10.30 -13.42 -2.00
C2 NAG C . -11.53 -12.90 -1.28
C3 NAG C . -12.15 -14.00 -0.43
C4 NAG C . -12.40 -15.24 -1.28
C5 NAG C . -11.13 -15.64 -2.04
C6 NAG C . -11.35 -16.80 -2.99
C7 NAG C . -11.88 -10.59 -0.56
C8 NAG C . -11.42 -9.52 0.38
N2 NAG C . -11.22 -11.75 -0.46
O3 NAG C . -13.34 -13.48 0.11
O4 NAG C . -12.82 -16.25 -0.38
O5 NAG C . -10.65 -14.54 -2.79
O6 NAG C . -10.29 -17.72 -2.89
O7 NAG C . -12.80 -10.41 -1.34
H2 NAG C . -12.17 -12.62 -1.96
H3 NAG C . -11.52 -14.26 0.27
H4 NAG C . -13.09 -15.03 -1.93
H5 NAG C . -10.47 -15.91 -1.39
H61 NAG C . -11.42 -16.44 -3.89
H62 NAG C . -12.20 -17.21 -2.79
H81 NAG C . -11.84 -8.67 0.12
H82 NAG C . -10.46 -9.43 0.32
H83 NAG C . -11.68 -9.76 1.28
HN2 NAG C . -10.59 -11.83 0.11
HO3 NAG C . -13.70 -14.09 0.57
HO4 NAG C . -13.39 -16.75 -0.77
HO6 NAG C . -10.45 -18.37 -3.42
C1 NAG D . 15.27 -0.73 2.11
C2 NAG D . 16.41 0.03 2.78
C3 NAG D . 17.52 0.42 1.79
C4 NAG D . 17.95 -0.71 0.91
C5 NAG D . 16.73 -1.50 0.43
C6 NAG D . 17.12 -2.81 -0.24
C7 NAG D . 15.68 1.38 4.70
C8 NAG D . 15.22 2.76 5.07
N2 NAG D . 15.94 1.24 3.40
O3 NAG D . 18.61 0.91 2.57
O4 NAG D . 18.58 -0.20 -0.26
O5 NAG D . 15.82 -1.83 1.46
O6 NAG D . 16.00 -3.30 -0.90
O7 NAG D . 15.81 0.48 5.52
H2 NAG D . 16.77 -0.59 3.43
H3 NAG D . 17.14 1.10 1.21
H4 NAG D . 18.55 -1.24 1.47
H5 NAG D . 16.25 -0.92 -0.19
H61 NAG D . 17.47 -3.41 0.42
H62 NAG D . 17.86 -2.63 -0.85
H81 NAG D . 14.78 2.73 5.93
H82 NAG D . 14.61 3.09 4.40
H83 NAG D . 16.00 3.35 5.13
HN2 NAG D . 15.82 1.92 2.89
HO3 NAG D . 19.20 0.30 2.59
HO6 NAG D . 15.32 -2.87 -0.63
C1 NAG D . 19.78 0.57 -0.05
C2 NAG D . 20.78 0.18 -1.17
C3 NAG D . 22.12 0.81 -0.82
C4 NAG D . 21.92 2.34 -0.82
C5 NAG D . 20.77 2.73 0.12
C6 NAG D . 20.38 4.21 0.02
C7 NAG D . 20.18 -1.87 -2.36
C8 NAG D . 20.32 -3.35 -2.35
N2 NAG D . 20.79 -1.23 -1.34
O3 NAG D . 23.08 0.40 -1.75
O4 NAG D . 23.16 2.89 -0.40
O5 NAG D . 19.60 1.97 -0.12
O6 NAG D . 19.57 4.45 -1.10
O7 NAG D . 19.56 -1.29 -3.26
H2 NAG D . 20.51 0.53 -2.03
H3 NAG D . 22.39 0.53 0.06
H4 NAG D . 21.69 2.62 -1.71
H5 NAG D . 21.08 2.55 1.02
H61 NAG D . 21.19 4.74 0.01
H62 NAG D . 19.91 4.45 0.85
H81 NAG D . 19.63 -3.75 -2.91
H82 NAG D . 20.22 -3.68 -1.45
H83 NAG D . 21.19 -3.59 -2.70
HN2 NAG D . 21.21 -1.70 -0.75
HO3 NAG D . 22.71 0.40 -2.52
HO4 NAG D . 23.74 2.28 -0.35
HO6 NAG D . 19.46 3.72 -1.52
C1 NAG E . -12.06 10.16 18.22
C2 NAG E . -12.95 11.34 17.84
C3 NAG E . -13.83 11.84 18.97
C4 NAG E . -14.60 10.73 19.65
C5 NAG E . -13.59 9.62 19.97
C6 NAG E . -14.29 8.42 20.61
C7 NAG E . -11.99 12.69 16.05
C8 NAG E . -11.15 13.89 15.73
N2 NAG E . -12.16 12.44 17.35
O3 NAG E . -14.72 12.78 18.41
O4 NAG E . -15.14 11.24 20.85
O5 NAG E . -12.89 9.19 18.82
O6 NAG E . -15.00 7.71 19.62
O7 NAG E . -12.47 11.98 15.18
H2 NAG E . -13.54 10.99 17.15
H3 NAG E . -13.25 12.22 19.65
H4 NAG E . -15.30 10.42 19.06
H5 NAG E . -12.93 9.96 20.58
H61 NAG E . -14.87 8.74 21.31
H62 NAG E . -13.62 7.86 21.04
H81 NAG E . -11.04 13.95 14.76
H82 NAG E . -10.29 13.81 16.15
H83 NAG E . -11.60 14.69 16.04
HN2 NAG E . -11.79 12.96 17.93
HO3 NAG E . -15.07 13.22 19.05
HO6 NAG E . -14.54 7.72 18.90
C1 NAG E . -16.57 11.47 20.83
C2 NAG E . -16.98 11.50 22.33
C3 NAG E . -18.09 12.47 22.68
C4 NAG E . -17.55 13.79 22.11
C5 NAG E . -17.70 13.65 20.59
C6 NAG E . -17.34 14.91 19.82
C7 NAG E . -16.45 9.44 23.53
C8 NAG E . -16.91 8.06 23.82
N2 NAG E . -17.26 10.14 22.71
O3 NAG E . -18.26 12.48 24.06
O4 NAG E . -18.12 14.96 22.61
O5 NAG E . -16.87 12.62 20.08
O6 NAG E . -16.18 15.47 20.40
O7 NAG E . -15.44 9.92 24.01
H2 NAG E . -16.23 11.85 22.83
H3 NAG E . -18.95 12.25 22.30
H4 NAG E . -16.63 13.84 22.41
H5 NAG E . -18.64 13.44 20.42
H61 NAG E . -18.09 15.52 19.84
H62 NAG E . -17.20 14.68 18.88
H81 NAG E . -16.50 7.75 24.65
H82 NAG E . -16.65 7.47 23.09
H83 NAG E . -17.88 8.05 23.92
HN2 NAG E . -17.98 9.77 22.41
HO3 NAG E . -17.81 13.14 24.38
HO6 NAG E . -15.61 14.85 20.51
C1 BMA E . -19.51 14.95 22.98
C2 BMA E . -20.01 16.37 22.78
C3 BMA E . -21.46 16.49 23.30
C4 BMA E . -22.38 15.40 22.73
C5 BMA E . -21.72 14.03 22.56
C6 BMA E . -22.42 13.16 21.50
O2 BMA E . -19.90 16.69 21.41
O3 BMA E . -21.88 17.81 23.05
O4 BMA E . -23.48 15.33 23.62
O5 BMA E . -20.33 14.04 22.30
O6 BMA E . -23.76 12.99 21.93
H1 BMA E . -19.57 14.67 23.91
H2 BMA E . -19.44 16.95 23.32
H3 BMA E . -21.44 16.35 24.27
H4 BMA E . -22.66 15.68 21.84
H5 BMA E . -21.83 13.59 23.41
H61 BMA E . -21.98 12.30 21.42
H62 BMA E . -22.39 13.59 20.63
HO2 BMA E . -20.11 16.00 20.97
HO3 BMA E . -21.83 17.97 22.21
HO4 BMA E . -23.23 14.92 24.32
HO6 BMA E . -23.79 13.10 22.77
C1 NAG F . 10.75 2.45 -15.82
C2 NAG F . 11.75 2.46 -16.97
C3 NAG F . 12.80 3.56 -16.79
C4 NAG F . 12.13 4.89 -16.49
C5 NAG F . 11.11 4.73 -15.36
C6 NAG F . 10.29 5.97 -15.09
C7 NAG F . 11.97 0.23 -17.99
C8 NAG F . 12.75 -1.04 -17.95
N2 NAG F . 12.36 1.16 -17.10
O3 NAG F . 13.59 3.61 -17.95
O4 NAG F . 13.18 5.77 -16.11
O5 NAG F . 10.18 3.72 -15.69
O6 NAG F . 9.86 6.43 -16.33
O7 NAG F . 11.08 0.42 -18.81
H2 NAG F . 11.27 2.67 -17.80
H3 NAG F . 13.33 3.31 -16.02
H4 NAG F . 11.67 5.18 -17.29
H5 NAG F . 11.62 4.51 -14.57
H61 NAG F . 10.83 6.62 -14.62
H62 NAG F . 9.55 5.76 -14.49
H81 NAG F . 12.53 -1.59 -18.73
H82 NAG F . 12.53 -1.53 -17.14
H83 NAG F . 13.70 -0.85 -17.95
HN2 NAG F . 13.01 0.97 -16.56
HO3 NAG F . 13.47 4.37 -18.30
C1 NAG F . 13.23 6.89 -16.98
C2 NAG F . 14.08 7.98 -16.32
C3 NAG F . 14.32 9.13 -17.30
C4 NAG F . 14.79 8.58 -18.65
C5 NAG F . 13.83 7.52 -19.16
C6 NAG F . 14.22 6.89 -20.47
C7 NAG F . 13.81 8.06 -13.87
C8 NAG F . 13.06 8.72 -12.76
N2 NAG F . 13.48 8.48 -15.12
O3 NAG F . 15.26 9.99 -16.71
O4 NAG F . 14.83 9.66 -19.55
O5 NAG F . 13.76 6.49 -18.20
O6 NAG F . 13.69 7.63 -21.54
O7 NAG F . 14.65 7.21 -13.65
H2 NAG F . 14.93 7.56 -16.08
H3 NAG F . 13.48 9.58 -17.46
H4 NAG F . 15.67 8.19 -18.49
H5 NAG F . 12.96 7.94 -19.30
H61 NAG F . 13.91 5.97 -20.49
H62 NAG F . 15.18 6.85 -20.51
H81 NAG F . 13.40 8.40 -11.90
H82 NAG F . 12.12 8.52 -12.83
H83 NAG F . 13.18 9.69 -12.81
HN2 NAG F . 12.88 9.09 -15.20
HO3 NAG F . 15.79 9.52 -16.24
HO6 NAG F . 13.49 8.41 -21.25
C1 BMA F . 16.19 10.07 -19.74
C2 BMA F . 16.41 10.17 -21.23
C3 BMA F . 17.48 11.19 -21.67
C4 BMA F . 17.69 12.39 -20.74
C5 BMA F . 17.58 12.03 -19.27
C6 BMA F . 17.54 13.21 -18.28
O2 BMA F . 15.16 10.50 -21.82
O3 BMA F . 17.12 11.51 -23.01
O4 BMA F . 18.99 12.85 -21.01
O5 BMA F . 16.45 11.21 -18.98
O6 BMA F . 17.25 12.69 -17.01
H2 BMA F . 16.78 9.31 -21.46
H3 BMA F . 18.36 10.77 -21.62
H4 BMA F . 17.02 13.07 -20.93
H5 BMA F . 18.39 11.55 -19.06
H61 BMA F . 16.87 13.85 -18.56
H62 BMA F . 18.39 13.67 -18.28
HO2 BMA F . 15.32 10.85 -22.58
HO4 BMA F . 19.53 12.47 -20.47
C1 MAN F . 17.88 10.82 -24.03
C2 MAN F . 18.06 9.31 -23.77
C3 MAN F . 19.24 8.69 -24.53
C4 MAN F . 19.60 9.57 -25.70
C5 MAN F . 20.06 10.91 -25.13
C6 MAN F . 20.41 11.85 -26.27
O2 MAN F . 16.86 8.68 -24.18
O3 MAN F . 18.87 7.39 -24.92
O4 MAN F . 20.63 8.94 -26.43
O5 MAN F . 19.06 11.52 -24.32
O6 MAN F . 19.31 11.96 -27.13
H2 MAN F . 18.24 9.25 -22.82
H3 MAN F . 20.00 8.64 -23.93
H4 MAN F . 18.83 9.69 -26.27
H5 MAN F . 20.84 10.77 -24.57
H61 MAN F . 21.19 11.51 -26.72
H62 MAN F . 20.66 12.72 -25.89
HO2 MAN F . 16.21 9.15 -23.90
HO3 MAN F . 18.02 7.36 -24.97
HO4 MAN F . 20.70 8.14 -26.16
HO6 MAN F . 18.60 11.94 -26.65
C1 MAN F . 15.90 13.07 -16.61
C2 MAN F . 15.92 14.44 -15.96
C3 MAN F . 16.76 14.37 -14.68
C4 MAN F . 16.15 13.34 -13.75
C5 MAN F . 15.98 12.00 -14.47
C6 MAN F . 15.13 11.07 -13.62
O2 MAN F . 14.59 14.78 -15.69
O3 MAN F . 16.80 15.65 -14.11
O4 MAN F . 17.01 13.22 -12.62
O5 MAN F . 15.32 12.14 -15.71
O6 MAN F . 15.18 11.51 -12.28
H2 MAN F . 16.33 15.08 -16.57
H3 MAN F . 17.66 14.08 -14.91
H4 MAN F . 15.27 13.67 -13.47
H5 MAN F . 16.85 11.62 -14.63
H61 MAN F . 15.47 10.16 -13.71
H62 MAN F . 14.23 11.06 -13.97
HO2 MAN F . 14.18 14.07 -15.45
HO3 MAN F . 16.74 15.57 -13.27
HO4 MAN F . 17.71 12.80 -12.86
HO6 MAN F . 14.65 11.03 -11.83
C1 FUC F . 9.13 7.68 -16.28
C2 FUC F . 8.52 7.94 -17.67
C3 FUC F . 7.20 7.20 -17.87
C4 FUC F . 6.23 7.59 -16.74
C5 FUC F . 6.88 7.21 -15.42
C6 FUC F . 6.11 7.67 -14.20
O2 FUC F . 9.49 7.57 -18.62
O3 FUC F . 6.69 7.55 -19.14
O4 FUC F . 5.95 8.97 -16.87
O5 FUC F . 8.18 7.77 -15.25
H2 FUC F . 8.32 8.89 -17.69
H3 FUC F . 7.37 6.25 -17.82
H4 FUC F . 5.42 7.06 -16.82
H5 FUC F . 6.92 6.25 -15.45
H61 FUC F . 6.58 7.43 -13.39
H62 FUC F . 5.23 7.26 -14.20
H63 FUC F . 6.01 8.64 -14.22
HO2 FUC F . 10.15 7.22 -18.20
HO3 FUC F . 6.23 8.26 -19.07
HO4 FUC F . 5.22 9.13 -16.45
N1 IMD G . 15.23 -21.69 2.04
C2 IMD G . 14.54 -21.73 0.92
N3 IMD G . 15.41 -21.84 -0.07
C4 IMD G . 16.69 -21.88 0.44
C5 IMD G . 16.58 -21.78 1.78
HN1 IMD G . 14.87 -21.61 2.82
H2 IMD G . 13.62 -21.68 0.83
HN3 IMD G . 15.21 -21.89 -0.90
H4 IMD G . 17.45 -21.96 -0.11
H5 IMD G . 17.21 -21.77 2.45
C1 EDO H . 11.13 3.36 4.53
O1 EDO H . 12.01 4.45 4.46
C2 EDO H . 11.90 2.07 4.63
O2 EDO H . 12.32 1.68 3.34
H11 EDO H . 10.56 3.32 3.75
H12 EDO H . 10.55 3.43 5.31
HO1 EDO H . 11.72 5.00 3.88
H21 EDO H . 12.65 2.21 5.24
H22 EDO H . 11.33 1.41 5.05
HO2 EDO H . 13.03 1.23 3.41
C1 EDO I . -7.73 -7.65 -18.61
O1 EDO I . -8.22 -8.84 -19.24
C2 EDO I . -8.41 -7.41 -17.30
O2 EDO I . -7.56 -7.84 -16.24
H11 EDO I . -6.78 -7.71 -18.46
H12 EDO I . -7.87 -6.88 -19.19
HO1 EDO I . -8.24 -9.45 -18.65
H21 EDO I . -8.63 -6.47 -17.24
H22 EDO I . -9.26 -7.89 -17.30
HO2 EDO I . -8.06 -8.12 -15.60
C1 EDO J . 7.57 3.96 10.75
O1 EDO J . 8.15 5.23 10.84
C2 EDO J . 7.34 3.68 9.28
O2 EDO J . 8.45 4.17 8.55
H11 EDO J . 8.13 3.27 11.12
H12 EDO J . 6.72 3.92 11.22
HO1 EDO J . 7.91 5.68 10.16
H21 EDO J . 7.23 2.72 9.17
H22 EDO J . 6.50 4.10 9.02
HO2 EDO J . 9.13 4.17 9.06
C1 EDO K . 2.59 10.66 9.35
O1 EDO K . 1.81 11.51 8.51
C2 EDO K . 3.78 10.12 8.60
O2 EDO K . 3.37 9.38 7.46
C1 EDO L . 3.79 -21.02 -16.33
O1 EDO L . 4.71 -19.99 -16.03
C2 EDO L . 2.38 -20.48 -16.15
O2 EDO L . 1.64 -21.39 -15.36
C1 EDO M . 8.97 14.15 -11.44
O1 EDO M . 10.24 14.43 -12.00
C2 EDO M . 7.99 13.73 -12.51
O2 EDO M . 8.67 13.02 -13.52
#